data_5Y0V
#
_entry.id   5Y0V
#
_cell.length_a   107.821
_cell.length_b   107.821
_cell.length_c   175.098
_cell.angle_alpha   90.000
_cell.angle_beta   90.000
_cell.angle_gamma   120.000
#
_symmetry.space_group_name_H-M   'P 32 2 1'
#
loop_
_entity.id
_entity.type
_entity.pdbx_description
1 polymer Beta-hexosaminidase
2 branched 2-acetamido-2-deoxy-beta-D-glucopyranose-(1-4)-2-acetamido-2-deoxy-beta-D-glucopyranose
3 non-polymer BERBERINE
4 non-polymer 2-acetamido-2-deoxy-beta-D-glucopyranose
5 water water
#
_entity_poly.entity_id   1
_entity_poly.type   'polypeptide(L)'
_entity_poly.pdbx_seq_one_letter_code
;EDVVWRWSCDNGKCVKLKNDPRSSEPALSLEACKMFCNEYGLLWPRPTGEADLGNFLSKINLNSIEVKILKKGATDDLME
AAAKRFKEQVSLAIPRGSTPKLTGKAVDVYLVNENPNEKAFSLEMDESYGLRVSPSGADRVNATITANSFFGMRHGLETL
SQLFVFDDIRDHLLMVRDVNISDKPVYPYRGILLDTARNYYSIESIKRTIEAMAAVKLNTDHWHITDSQSFPFVTTKRPN
LYKFGALSPQKVYTKAAIREVVRFGLERGVRVLPEFDAPAHVGEGWQDTDLTVCFKAEPWKSYCVEPPCGQLNPTKDELY
QYLEDIYSDMAEVFDTTDIFHMGGDEVSEACWNSSDSIQNFMMQNRWDLDKESFLKLWNYFQQKAQDKAYKAFGKKLPLI
LWTSTLTNYKHIDDYLNKDDYIIQVWTTGVDPQIKGLLEKGYRLIMSNYDALYFDCGYGAWVGAGNNWCSPYIGWQKVYD
NSPAVIALEHRDQVLGGEAALWSEQSDTSTLDGRLWPRAAALAERLWAEPATSWQDAEYRMLHIRERFVRMGIQAESLQP
EWCYQNEGYCYSHHHHHH
;
_entity_poly.pdbx_strand_id   A
#
loop_
_chem_comp.id
_chem_comp.type
_chem_comp.name
_chem_comp.formula
BER non-polymer BERBERINE 'C20 H18 N O4 1'
NAG D-saccharide, beta linking 2-acetamido-2-deoxy-beta-D-glucopyranose 'C8 H15 N O6'
#
# COMPACT_ATOMS: atom_id res chain seq x y z
N GLU A 1 27.44 26.45 -10.16
CA GLU A 1 27.88 25.85 -11.42
C GLU A 1 26.68 25.51 -12.30
N ASP A 2 26.92 25.30 -13.59
CA ASP A 2 25.86 25.19 -14.58
C ASP A 2 25.93 23.87 -15.34
N VAL A 3 24.75 23.31 -15.64
CA VAL A 3 24.67 22.05 -16.36
C VAL A 3 25.37 22.17 -17.71
N VAL A 4 26.14 21.14 -18.05
CA VAL A 4 26.98 21.15 -19.24
C VAL A 4 26.34 20.42 -20.42
N TRP A 5 25.42 19.50 -20.18
CA TRP A 5 24.91 18.60 -21.20
C TRP A 5 23.52 19.02 -21.63
N ARG A 6 23.07 18.41 -22.73
CA ARG A 6 21.69 18.51 -23.20
C ARG A 6 21.25 17.13 -23.65
N TRP A 7 19.95 16.97 -23.91
CA TRP A 7 19.39 15.68 -24.27
C TRP A 7 18.47 15.82 -25.46
N SER A 8 18.45 14.79 -26.30
CA SER A 8 17.67 14.79 -27.53
C SER A 8 17.07 13.41 -27.73
N CYS A 9 15.76 13.37 -28.03
CA CYS A 9 15.08 12.10 -28.17
C CYS A 9 15.46 11.43 -29.49
N ASP A 10 15.80 10.15 -29.41
CA ASP A 10 16.18 9.38 -30.59
C ASP A 10 15.74 7.93 -30.35
N ASN A 11 14.69 7.51 -31.06
CA ASN A 11 14.14 6.15 -30.94
C ASN A 11 13.68 5.88 -29.51
N GLY A 12 12.95 6.83 -28.93
CA GLY A 12 12.42 6.66 -27.59
C GLY A 12 13.46 6.64 -26.49
N LYS A 13 14.65 7.18 -26.73
CA LYS A 13 15.72 7.23 -25.76
C LYS A 13 16.33 8.63 -25.76
N CYS A 14 16.48 9.22 -24.58
CA CYS A 14 17.09 10.53 -24.46
C CYS A 14 18.61 10.36 -24.47
N VAL A 15 19.25 10.88 -25.51
CA VAL A 15 20.69 10.75 -25.70
C VAL A 15 21.37 11.99 -25.13
N LYS A 16 22.39 11.78 -24.31
CA LYS A 16 23.14 12.90 -23.74
C LYS A 16 24.12 13.43 -24.78
N LEU A 17 23.99 14.72 -25.08
CA LEU A 17 24.85 15.38 -26.06
C LEU A 17 25.44 16.64 -25.45
N LYS A 18 26.61 17.03 -25.94
CA LYS A 18 27.21 18.28 -25.50
C LYS A 18 26.34 19.45 -25.93
N ASN A 19 26.19 20.42 -25.03
CA ASN A 19 25.42 21.64 -25.32
C ASN A 19 26.36 22.66 -25.94
N ASP A 20 26.62 22.47 -27.24
CA ASP A 20 27.54 23.34 -27.95
C ASP A 20 26.94 24.73 -28.09
N PRO A 21 27.73 25.80 -27.85
CA PRO A 21 27.18 27.15 -28.00
C PRO A 21 26.81 27.50 -29.43
N ARG A 22 27.51 26.95 -30.42
CA ARG A 22 27.25 27.30 -31.81
C ARG A 22 26.13 26.43 -32.36
N SER A 23 24.94 26.64 -31.81
CA SER A 23 23.74 25.95 -32.24
C SER A 23 22.55 26.89 -32.16
N SER A 24 21.64 26.76 -33.12
CA SER A 24 20.40 27.52 -33.13
C SER A 24 19.23 26.74 -32.55
N GLU A 25 19.42 25.46 -32.23
CA GLU A 25 18.36 24.64 -31.66
C GLU A 25 18.40 24.72 -30.13
N PRO A 26 17.25 24.92 -29.48
CA PRO A 26 17.26 25.09 -28.02
C PRO A 26 17.62 23.79 -27.31
N ALA A 27 18.51 23.92 -26.32
CA ALA A 27 18.90 22.77 -25.52
C ALA A 27 17.71 22.26 -24.69
N LEU A 28 17.58 20.94 -24.62
CA LEU A 28 16.56 20.29 -23.81
C LEU A 28 17.21 19.74 -22.55
N SER A 29 16.57 20.01 -21.40
CA SER A 29 17.03 19.40 -20.16
C SER A 29 16.64 17.92 -20.13
N LEU A 30 17.21 17.19 -19.18
CA LEU A 30 17.01 15.74 -19.13
C LEU A 30 15.53 15.38 -18.95
N GLU A 31 14.88 15.98 -17.94
CA GLU A 31 13.49 15.63 -17.68
C GLU A 31 12.56 16.18 -18.75
N ALA A 32 12.90 17.34 -19.33
CA ALA A 32 12.13 17.87 -20.44
C ALA A 32 12.19 16.93 -21.64
N CYS A 33 13.35 16.36 -21.92
CA CYS A 33 13.45 15.36 -22.98
C CYS A 33 12.64 14.12 -22.64
N LYS A 34 12.70 13.68 -21.38
CA LYS A 34 11.99 12.47 -20.99
C LYS A 34 10.48 12.64 -21.06
N MET A 35 9.98 13.85 -20.77
CA MET A 35 8.54 14.06 -20.72
C MET A 35 7.86 13.76 -22.05
N PHE A 36 8.58 13.95 -23.16
CA PHE A 36 8.01 13.71 -24.48
C PHE A 36 8.67 12.59 -25.25
N CYS A 37 9.89 12.19 -24.89
CA CYS A 37 10.49 11.01 -25.52
C CYS A 37 9.77 9.74 -25.09
N ASN A 38 9.35 9.67 -23.84
CA ASN A 38 8.67 8.49 -23.31
C ASN A 38 7.20 8.50 -23.71
N GLU A 39 6.66 7.30 -23.94
CA GLU A 39 5.26 7.16 -24.31
C GLU A 39 4.35 7.83 -23.29
N TYR A 40 4.65 7.66 -22.01
CA TYR A 40 3.85 8.25 -20.93
C TYR A 40 4.60 9.32 -20.16
N GLY A 41 5.74 9.77 -20.67
CA GLY A 41 6.45 10.87 -20.02
C GLY A 41 6.99 10.47 -18.67
N LEU A 42 6.75 11.33 -17.67
CA LEU A 42 7.19 11.10 -16.30
C LEU A 42 6.06 10.65 -15.39
N LEU A 43 4.98 10.12 -15.94
CA LEU A 43 3.83 9.77 -15.14
C LEU A 43 3.99 8.39 -14.53
N TRP A 44 3.65 8.27 -13.25
CA TRP A 44 3.60 6.98 -12.58
C TRP A 44 2.50 6.99 -11.53
N PRO A 45 1.50 6.11 -11.64
CA PRO A 45 1.38 5.14 -12.74
C PRO A 45 0.84 5.77 -14.02
N ARG A 46 1.06 5.11 -15.15
CA ARG A 46 0.53 5.61 -16.41
C ARG A 46 -1.00 5.49 -16.40
N PRO A 47 -1.70 6.48 -16.92
CA PRO A 47 -3.17 6.43 -16.94
C PRO A 47 -3.68 5.27 -17.79
N THR A 48 -4.94 4.92 -17.57
CA THR A 48 -5.57 3.79 -18.25
C THR A 48 -6.42 4.22 -19.45
N GLY A 49 -6.91 5.45 -19.47
CA GLY A 49 -7.68 5.93 -20.61
C GLY A 49 -6.85 6.80 -21.53
N GLU A 50 -7.34 7.99 -21.84
CA GLU A 50 -6.62 8.89 -22.71
C GLU A 50 -5.38 9.42 -22.01
N ALA A 51 -4.24 9.41 -22.71
CA ALA A 51 -2.97 9.88 -22.19
C ALA A 51 -2.34 10.84 -23.22
N ASP A 52 -3.04 11.94 -23.48
CA ASP A 52 -2.60 12.93 -24.45
C ASP A 52 -1.77 13.99 -23.75
N LEU A 53 -0.47 13.97 -23.98
CA LEU A 53 0.45 14.92 -23.35
C LEU A 53 0.90 16.02 -24.29
N GLY A 54 0.39 16.08 -25.51
CA GLY A 54 0.79 17.15 -26.40
C GLY A 54 2.25 17.05 -26.80
N ASN A 55 2.85 18.22 -27.05
CA ASN A 55 4.23 18.27 -27.53
C ASN A 55 5.08 19.37 -26.91
N PHE A 56 4.52 20.28 -26.12
CA PHE A 56 5.27 21.45 -25.67
C PHE A 56 5.14 21.62 -24.16
N LEU A 57 6.00 22.48 -23.62
CA LEU A 57 5.99 22.86 -22.22
C LEU A 57 5.79 24.38 -22.11
N SER A 58 5.35 24.82 -20.95
CA SER A 58 5.14 26.23 -20.68
C SER A 58 5.84 26.60 -19.37
N LYS A 59 6.57 27.71 -19.40
CA LYS A 59 7.20 28.20 -18.18
C LYS A 59 6.16 28.75 -17.22
N ILE A 60 6.35 28.49 -15.95
CA ILE A 60 5.35 28.75 -14.92
C ILE A 60 5.99 29.47 -13.74
N ASN A 61 5.28 30.47 -13.21
CA ASN A 61 5.66 31.09 -11.94
C ASN A 61 5.17 30.20 -10.80
N LEU A 62 6.12 29.72 -9.98
CA LEU A 62 5.77 28.84 -8.88
C LEU A 62 4.83 29.53 -7.89
N ASN A 63 5.01 30.83 -7.67
CA ASN A 63 4.20 31.57 -6.71
C ASN A 63 2.82 31.93 -7.24
N SER A 64 2.53 31.68 -8.52
CA SER A 64 1.25 32.03 -9.12
C SER A 64 0.42 30.78 -9.41
N ILE A 65 0.42 29.83 -8.49
CA ILE A 65 -0.40 28.62 -8.60
C ILE A 65 -1.51 28.76 -7.57
N GLU A 66 -2.75 28.85 -8.03
CA GLU A 66 -3.92 28.97 -7.16
C GLU A 66 -4.91 27.87 -7.48
N VAL A 67 -5.44 27.25 -6.44
CA VAL A 67 -6.42 26.18 -6.56
C VAL A 67 -7.78 26.72 -6.17
N LYS A 68 -8.81 26.37 -6.93
CA LYS A 68 -10.17 26.79 -6.67
C LYS A 68 -11.09 25.58 -6.69
N ILE A 69 -11.81 25.36 -5.60
CA ILE A 69 -12.79 24.28 -5.51
C ILE A 69 -14.13 24.83 -5.97
N LEU A 70 -14.70 24.22 -7.01
CA LEU A 70 -15.90 24.77 -7.65
C LEU A 70 -17.19 24.27 -7.02
N LYS A 71 -17.17 23.09 -6.39
CA LYS A 71 -18.35 22.51 -5.77
C LYS A 71 -18.05 22.22 -4.31
N LYS A 72 -18.79 22.86 -3.40
CA LYS A 72 -18.62 22.68 -1.97
C LYS A 72 -19.47 21.53 -1.47
N GLY A 73 -19.05 20.95 -0.35
CA GLY A 73 -19.79 19.84 0.22
C GLY A 73 -19.18 19.39 1.54
N ALA A 74 -19.52 18.16 1.92
CA ALA A 74 -19.03 17.62 3.19
C ALA A 74 -17.52 17.37 3.18
N THR A 75 -16.92 17.19 2.00
CA THR A 75 -15.48 16.99 1.87
C THR A 75 -14.73 18.29 1.68
N ASP A 76 -15.24 19.41 2.22
CA ASP A 76 -14.59 20.69 2.02
C ASP A 76 -13.20 20.73 2.64
N ASP A 77 -13.10 20.33 3.91
CA ASP A 77 -11.80 20.32 4.58
C ASP A 77 -10.84 19.34 3.94
N LEU A 78 -11.36 18.25 3.37
CA LEU A 78 -10.50 17.31 2.66
C LEU A 78 -9.97 17.93 1.37
N MET A 79 -10.86 18.51 0.57
CA MET A 79 -10.43 19.14 -0.68
C MET A 79 -9.53 20.33 -0.42
N GLU A 80 -9.82 21.10 0.64
CA GLU A 80 -8.95 22.22 0.99
C GLU A 80 -7.56 21.73 1.41
N ALA A 81 -7.50 20.65 2.19
CA ALA A 81 -6.21 20.11 2.60
C ALA A 81 -5.45 19.54 1.40
N ALA A 82 -6.15 18.78 0.54
CA ALA A 82 -5.50 18.24 -0.65
C ALA A 82 -5.07 19.35 -1.61
N ALA A 83 -5.77 20.48 -1.60
CA ALA A 83 -5.34 21.61 -2.43
C ALA A 83 -4.11 22.27 -1.85
N LYS A 84 -4.03 22.38 -0.53
CA LYS A 84 -2.87 22.99 0.10
C LYS A 84 -1.61 22.16 -0.13
N ARG A 85 -1.75 20.84 -0.08
CA ARG A 85 -0.60 19.95 -0.30
C ARG A 85 -0.15 19.96 -1.76
N PHE A 86 -1.00 20.43 -2.68
CA PHE A 86 -0.68 20.35 -4.11
C PHE A 86 0.57 21.16 -4.44
N LYS A 87 0.75 22.33 -3.84
CA LYS A 87 1.89 23.17 -4.17
C LYS A 87 3.20 22.55 -3.68
N GLU A 88 3.17 21.88 -2.54
CA GLU A 88 4.35 21.17 -2.08
C GLU A 88 4.73 20.06 -3.06
N GLN A 89 3.74 19.35 -3.60
CA GLN A 89 4.03 18.31 -4.58
C GLN A 89 4.58 18.89 -5.87
N VAL A 90 4.18 20.12 -6.23
CA VAL A 90 4.76 20.76 -7.41
C VAL A 90 6.22 21.10 -7.17
N SER A 91 6.55 21.57 -5.96
CA SER A 91 7.94 21.87 -5.63
C SER A 91 8.82 20.62 -5.67
N LEU A 92 8.22 19.43 -5.66
CA LEU A 92 9.01 18.21 -5.79
C LEU A 92 9.69 18.10 -7.14
N ALA A 93 9.19 18.80 -8.17
CA ALA A 93 9.87 18.80 -9.46
C ALA A 93 11.24 19.45 -9.41
N ILE A 94 11.49 20.31 -8.43
CA ILE A 94 12.71 21.11 -8.37
C ILE A 94 13.75 20.36 -7.56
N PRO A 95 14.95 20.09 -8.06
CA PRO A 95 15.95 19.43 -7.19
C PRO A 95 16.32 20.31 -6.00
N ARG A 96 16.59 19.66 -4.86
CA ARG A 96 17.01 20.39 -3.66
C ARG A 96 18.32 21.14 -3.93
N GLY A 97 18.39 22.39 -3.46
CA GLY A 97 19.52 23.26 -3.74
C GLY A 97 19.42 24.04 -5.02
N SER A 98 18.30 23.94 -5.73
CA SER A 98 18.04 24.74 -6.93
C SER A 98 16.81 25.59 -6.70
N THR A 99 16.85 26.83 -7.19
CA THR A 99 15.74 27.76 -7.03
C THR A 99 15.21 28.16 -8.40
N PRO A 100 13.92 27.97 -8.68
CA PRO A 100 13.38 28.37 -9.97
C PRO A 100 13.22 29.88 -10.07
N LYS A 101 13.34 30.38 -11.29
CA LYS A 101 13.10 31.79 -11.55
C LYS A 101 11.60 32.05 -11.45
N LEU A 102 11.22 33.01 -10.60
CA LEU A 102 9.80 33.33 -10.37
C LEU A 102 9.27 34.13 -11.56
N THR A 103 9.14 33.43 -12.68
CA THR A 103 8.71 34.00 -13.94
C THR A 103 7.79 33.00 -14.61
N GLY A 104 7.04 33.46 -15.61
CA GLY A 104 6.23 32.58 -16.41
C GLY A 104 4.75 32.75 -16.14
N LYS A 105 3.98 31.89 -16.77
CA LYS A 105 2.52 31.97 -16.68
C LYS A 105 2.04 31.63 -15.27
N ALA A 106 0.79 31.98 -15.01
CA ALA A 106 0.09 31.60 -13.79
C ALA A 106 -0.78 30.37 -14.06
N VAL A 107 -0.97 29.55 -13.03
CA VAL A 107 -1.73 28.32 -13.15
C VAL A 107 -3.02 28.45 -12.35
N ASP A 108 -4.13 28.07 -12.97
CA ASP A 108 -5.43 27.98 -12.32
C ASP A 108 -5.82 26.51 -12.27
N VAL A 109 -5.90 25.97 -11.07
CA VAL A 109 -6.34 24.58 -10.85
C VAL A 109 -7.79 24.63 -10.42
N TYR A 110 -8.66 24.01 -11.21
CA TYR A 110 -10.11 24.00 -10.96
C TYR A 110 -10.51 22.59 -10.58
N LEU A 111 -10.91 22.42 -9.32
CA LEU A 111 -11.32 21.12 -8.80
C LEU A 111 -12.84 21.00 -8.87
N VAL A 112 -13.32 19.97 -9.56
CA VAL A 112 -14.74 19.73 -9.76
C VAL A 112 -15.06 18.37 -9.15
N ASN A 113 -15.60 18.37 -7.94
CA ASN A 113 -16.03 17.15 -7.25
C ASN A 113 -17.52 16.98 -7.48
N GLU A 114 -17.89 15.99 -8.30
CA GLU A 114 -19.29 15.83 -8.70
C GLU A 114 -20.18 15.37 -7.56
N ASN A 115 -19.61 14.80 -6.51
CA ASN A 115 -20.38 14.37 -5.33
C ASN A 115 -19.62 14.81 -4.08
N PRO A 116 -19.60 16.11 -3.80
CA PRO A 116 -18.71 16.64 -2.75
C PRO A 116 -19.07 16.20 -1.34
N ASN A 117 -20.09 15.37 -1.16
CA ASN A 117 -20.44 14.85 0.16
C ASN A 117 -19.86 13.47 0.43
N GLU A 118 -19.58 12.70 -0.61
CA GLU A 118 -19.09 11.33 -0.43
C GLU A 118 -17.65 11.34 0.09
N LYS A 119 -17.42 10.64 1.22
CA LYS A 119 -16.06 10.52 1.73
C LYS A 119 -15.80 9.19 2.43
N ALA A 120 -16.56 8.15 2.15
CA ALA A 120 -16.37 6.86 2.79
C ALA A 120 -15.57 5.94 1.86
N PHE A 121 -14.75 5.09 2.48
CA PHE A 121 -14.05 4.07 1.73
C PHE A 121 -14.97 2.88 1.49
N SER A 122 -14.89 2.31 0.29
CA SER A 122 -15.63 1.10 -0.04
C SER A 122 -15.00 0.49 -1.27
N LEU A 123 -15.15 -0.83 -1.41
CA LEU A 123 -14.62 -1.49 -2.59
C LEU A 123 -15.28 -1.00 -3.87
N GLU A 124 -16.43 -0.33 -3.76
CA GLU A 124 -17.17 0.15 -4.92
C GLU A 124 -17.00 1.66 -5.13
N MET A 125 -16.14 2.31 -4.36
CA MET A 125 -15.94 3.75 -4.50
C MET A 125 -15.36 4.07 -5.87
N ASP A 126 -15.64 5.29 -6.35
CA ASP A 126 -15.25 5.73 -7.68
C ASP A 126 -13.97 6.55 -7.59
N GLU A 127 -12.85 5.95 -8.03
CA GLU A 127 -11.56 6.61 -8.01
C GLU A 127 -11.19 7.21 -9.35
N SER A 128 -12.14 7.30 -10.28
CA SER A 128 -11.87 7.84 -11.61
C SER A 128 -11.77 9.36 -11.56
N TYR A 129 -11.16 9.93 -12.60
CA TYR A 129 -11.02 11.37 -12.70
C TYR A 129 -10.71 11.73 -14.15
N GLY A 130 -11.00 12.98 -14.48
CA GLY A 130 -10.59 13.56 -15.75
C GLY A 130 -9.66 14.73 -15.48
N LEU A 131 -8.59 14.82 -16.26
CA LEU A 131 -7.63 15.91 -16.15
C LEU A 131 -7.37 16.48 -17.54
N ARG A 132 -7.55 17.79 -17.68
CA ARG A 132 -7.22 18.46 -18.92
C ARG A 132 -6.54 19.78 -18.63
N VAL A 133 -5.45 20.05 -19.34
CA VAL A 133 -4.67 21.28 -19.21
C VAL A 133 -4.59 21.95 -20.58
N SER A 134 -4.72 23.28 -20.59
CA SER A 134 -4.69 24.03 -21.83
C SER A 134 -4.34 25.48 -21.50
N PRO A 135 -3.79 26.22 -22.46
CA PRO A 135 -3.52 27.64 -22.22
C PRO A 135 -4.83 28.40 -21.97
N SER A 136 -4.76 29.39 -21.09
CA SER A 136 -5.92 30.21 -20.72
C SER A 136 -5.54 31.67 -20.94
N GLY A 137 -6.04 32.26 -22.02
CA GLY A 137 -5.66 33.62 -22.34
C GLY A 137 -4.26 33.68 -22.89
N ALA A 138 -3.50 34.68 -22.43
CA ALA A 138 -2.14 34.89 -22.91
C ALA A 138 -1.07 34.70 -21.84
N ASP A 139 -1.44 34.60 -20.57
CA ASP A 139 -0.45 34.47 -19.50
C ASP A 139 -0.95 33.55 -18.38
N ARG A 140 -1.81 32.60 -18.69
CA ARG A 140 -2.39 31.73 -17.67
C ARG A 140 -2.54 30.31 -18.21
N VAL A 141 -2.67 29.37 -17.28
CA VAL A 141 -2.90 27.96 -17.59
C VAL A 141 -4.17 27.52 -16.85
N ASN A 142 -5.05 26.82 -17.57
CA ASN A 142 -6.29 26.29 -17.00
C ASN A 142 -6.12 24.78 -16.85
N ALA A 143 -5.96 24.32 -15.61
CA ALA A 143 -5.88 22.91 -15.28
C ALA A 143 -7.17 22.53 -14.56
N THR A 144 -7.97 21.67 -15.20
CA THR A 144 -9.29 21.30 -14.68
C THR A 144 -9.30 19.82 -14.36
N ILE A 145 -9.57 19.49 -13.10
CA ILE A 145 -9.71 18.11 -12.65
C ILE A 145 -11.18 17.86 -12.35
N THR A 146 -11.76 16.85 -13.00
CA THR A 146 -13.16 16.50 -12.83
C THR A 146 -13.23 15.04 -12.40
N ALA A 147 -13.89 14.78 -11.27
CA ALA A 147 -14.00 13.43 -10.74
C ALA A 147 -15.33 13.27 -10.02
N ASN A 148 -15.78 12.02 -9.92
CA ASN A 148 -17.06 11.69 -9.30
C ASN A 148 -16.99 11.66 -7.78
N SER A 149 -15.80 11.73 -7.19
CA SER A 149 -15.66 11.73 -5.75
C SER A 149 -14.36 12.45 -5.39
N PHE A 150 -14.21 12.75 -4.10
CA PHE A 150 -12.99 13.39 -3.64
C PHE A 150 -11.77 12.52 -3.92
N PHE A 151 -11.92 11.19 -3.76
CA PHE A 151 -10.78 10.30 -3.90
C PHE A 151 -10.23 10.32 -5.32
N GLY A 152 -11.10 10.28 -6.32
CA GLY A 152 -10.65 10.47 -7.68
C GLY A 152 -10.09 11.85 -7.93
N MET A 153 -10.63 12.86 -7.22
CA MET A 153 -10.16 14.23 -7.41
C MET A 153 -8.71 14.37 -6.97
N ARG A 154 -8.37 13.84 -5.79
CA ARG A 154 -6.99 13.97 -5.32
C ARG A 154 -6.04 13.01 -6.04
N HIS A 155 -6.55 11.94 -6.65
CA HIS A 155 -5.74 11.19 -7.60
C HIS A 155 -5.35 12.06 -8.79
N GLY A 156 -6.29 12.85 -9.31
CA GLY A 156 -5.98 13.74 -10.41
C GLY A 156 -5.03 14.85 -10.02
N LEU A 157 -5.17 15.35 -8.78
CA LEU A 157 -4.19 16.32 -8.28
C LEU A 157 -2.80 15.71 -8.27
N GLU A 158 -2.69 14.42 -7.93
CA GLU A 158 -1.40 13.75 -7.95
C GLU A 158 -0.84 13.69 -9.37
N THR A 159 -1.67 13.28 -10.34
CA THR A 159 -1.21 13.20 -11.72
C THR A 159 -0.81 14.57 -12.26
N LEU A 160 -1.56 15.62 -11.87
CA LEU A 160 -1.24 16.96 -12.34
C LEU A 160 0.13 17.41 -11.84
N SER A 161 0.46 17.08 -10.59
CA SER A 161 1.77 17.45 -10.05
C SER A 161 2.91 16.77 -10.78
N GLN A 162 2.67 15.62 -11.40
CA GLN A 162 3.71 14.93 -12.17
C GLN A 162 3.90 15.53 -13.56
N LEU A 163 3.05 16.48 -13.96
CA LEU A 163 3.18 17.15 -15.25
C LEU A 163 4.04 18.40 -15.18
N PHE A 164 4.78 18.57 -14.08
CA PHE A 164 5.73 19.67 -13.93
C PHE A 164 7.14 19.12 -14.02
N VAL A 165 8.00 19.84 -14.75
CA VAL A 165 9.40 19.47 -14.88
C VAL A 165 10.25 20.70 -14.60
N PHE A 166 11.42 20.47 -13.99
CA PHE A 166 12.37 21.54 -13.73
C PHE A 166 13.46 21.50 -14.78
N ASP A 167 13.70 22.65 -15.41
CA ASP A 167 14.78 22.83 -16.37
C ASP A 167 16.00 23.29 -15.58
N ASP A 168 16.91 22.38 -15.27
CA ASP A 168 18.10 22.76 -14.52
C ASP A 168 19.17 23.40 -15.40
N ILE A 169 18.99 23.41 -16.72
CA ILE A 169 19.86 24.19 -17.58
C ILE A 169 19.56 25.68 -17.44
N ARG A 170 18.27 26.03 -17.36
CA ARG A 170 17.84 27.42 -17.34
C ARG A 170 17.22 27.85 -16.03
N ASP A 171 17.07 26.93 -15.07
CA ASP A 171 16.41 27.23 -13.79
C ASP A 171 14.96 27.67 -14.01
N HIS A 172 14.25 26.96 -14.88
CA HIS A 172 12.86 27.28 -15.22
C HIS A 172 11.96 26.13 -14.78
N LEU A 173 10.87 26.47 -14.10
CA LEU A 173 9.82 25.50 -13.81
C LEU A 173 8.86 25.45 -14.98
N LEU A 174 8.61 24.24 -15.48
CA LEU A 174 7.80 24.05 -16.67
C LEU A 174 6.63 23.12 -16.39
N MET A 175 5.63 23.20 -17.25
CA MET A 175 4.46 22.32 -17.19
C MET A 175 4.07 21.93 -18.61
N VAL A 176 3.47 20.75 -18.73
CA VAL A 176 2.95 20.32 -20.02
C VAL A 176 1.83 21.26 -20.45
N ARG A 177 1.92 21.75 -21.69
CA ARG A 177 1.04 22.83 -22.13
C ARG A 177 -0.38 22.33 -22.41
N ASP A 178 -0.51 21.20 -23.09
CA ASP A 178 -1.82 20.72 -23.55
C ASP A 178 -1.96 19.25 -23.16
N VAL A 179 -2.74 18.99 -22.11
CA VAL A 179 -2.92 17.66 -21.55
C VAL A 179 -4.39 17.28 -21.65
N ASN A 180 -4.65 16.00 -21.96
CA ASN A 180 -6.00 15.44 -21.91
C ASN A 180 -5.90 14.03 -21.35
N ILE A 181 -6.31 13.86 -20.10
CA ILE A 181 -6.15 12.59 -19.39
C ILE A 181 -7.49 12.17 -18.80
N SER A 182 -7.88 10.93 -19.07
CA SER A 182 -8.98 10.26 -18.38
C SER A 182 -8.42 8.98 -17.75
N ASP A 183 -8.78 8.73 -16.50
CA ASP A 183 -8.06 7.71 -15.73
C ASP A 183 -8.98 7.10 -14.68
N LYS A 184 -8.76 5.81 -14.42
CA LYS A 184 -9.42 5.08 -13.35
C LYS A 184 -8.69 3.77 -13.10
N PRO A 185 -8.66 3.28 -11.85
CA PRO A 185 -7.87 2.08 -11.56
C PRO A 185 -8.58 0.79 -11.96
N VAL A 186 -7.77 -0.23 -12.24
CA VAL A 186 -8.30 -1.53 -12.60
C VAL A 186 -8.78 -2.29 -11.37
N TYR A 187 -8.05 -2.17 -10.26
CA TYR A 187 -8.43 -2.86 -9.03
C TYR A 187 -8.71 -1.85 -7.93
N PRO A 188 -9.72 -2.11 -7.08
CA PRO A 188 -10.05 -1.15 -6.02
C PRO A 188 -9.22 -1.31 -4.76
N TYR A 189 -8.53 -2.43 -4.56
CA TYR A 189 -7.72 -2.67 -3.36
C TYR A 189 -6.25 -2.72 -3.78
N ARG A 190 -5.52 -1.64 -3.52
CA ARG A 190 -4.10 -1.53 -3.85
C ARG A 190 -3.37 -1.14 -2.56
N GLY A 191 -2.77 -2.13 -1.89
CA GLY A 191 -2.42 -1.99 -0.50
C GLY A 191 -0.96 -2.31 -0.21
N ILE A 192 -0.59 -2.01 1.04
CA ILE A 192 0.70 -2.38 1.62
C ILE A 192 0.43 -2.91 3.02
N LEU A 193 0.97 -4.09 3.32
CA LEU A 193 0.88 -4.67 4.66
C LEU A 193 2.10 -4.24 5.46
N LEU A 194 1.88 -3.54 6.58
CA LEU A 194 2.95 -3.10 7.47
C LEU A 194 2.81 -3.84 8.79
N ASP A 195 3.79 -4.68 9.10
CA ASP A 195 3.84 -5.42 10.35
C ASP A 195 4.55 -4.53 11.39
N THR A 196 3.80 -4.02 12.36
CA THR A 196 4.36 -3.18 13.42
C THR A 196 4.39 -3.90 14.76
N ALA A 197 4.45 -5.23 14.73
CA ALA A 197 4.51 -6.03 15.95
C ALA A 197 5.78 -6.83 16.08
N ARG A 198 6.30 -7.38 14.97
CA ARG A 198 7.62 -8.01 15.00
C ARG A 198 8.71 -6.99 15.25
N ASN A 199 8.45 -5.73 14.97
CA ASN A 199 9.33 -4.61 15.31
C ASN A 199 8.48 -3.35 15.25
N TYR A 200 8.90 -2.33 16.01
CA TYR A 200 8.13 -1.10 16.12
C TYR A 200 8.46 -0.15 14.98
N TYR A 201 7.44 0.57 14.52
CA TYR A 201 7.59 1.60 13.49
C TYR A 201 7.08 2.91 14.07
N SER A 202 7.92 3.94 14.04
CA SER A 202 7.50 5.24 14.54
C SER A 202 6.30 5.74 13.76
N ILE A 203 5.41 6.47 14.45
CA ILE A 203 4.24 7.04 13.80
C ILE A 203 4.66 7.93 12.64
N GLU A 204 5.78 8.65 12.79
CA GLU A 204 6.26 9.50 11.72
C GLU A 204 6.64 8.67 10.49
N SER A 205 7.25 7.50 10.71
CA SER A 205 7.61 6.64 9.58
C SER A 205 6.37 6.06 8.91
N ILE A 206 5.31 5.80 9.70
CA ILE A 206 4.07 5.28 9.11
C ILE A 206 3.42 6.33 8.22
N LYS A 207 3.44 7.59 8.65
CA LYS A 207 2.83 8.65 7.85
C LYS A 207 3.69 9.00 6.64
N ARG A 208 5.02 8.89 6.78
CA ARG A 208 5.89 9.02 5.61
C ARG A 208 5.56 7.95 4.57
N THR A 209 5.23 6.75 5.03
CA THR A 209 4.79 5.68 4.13
C THR A 209 3.53 6.08 3.38
N ILE A 210 2.53 6.60 4.12
CA ILE A 210 1.26 6.99 3.50
C ILE A 210 1.49 8.09 2.48
N GLU A 211 2.41 9.01 2.76
CA GLU A 211 2.76 10.05 1.79
C GLU A 211 3.25 9.44 0.49
N ALA A 212 4.15 8.45 0.58
CA ALA A 212 4.67 7.81 -0.62
C ALA A 212 3.62 6.95 -1.30
N MET A 213 2.69 6.36 -0.54
CA MET A 213 1.62 5.58 -1.14
C MET A 213 0.71 6.45 -1.99
N ALA A 214 0.31 7.61 -1.47
CA ALA A 214 -0.55 8.51 -2.23
C ALA A 214 0.14 9.01 -3.49
N ALA A 215 1.47 9.09 -3.47
CA ALA A 215 2.20 9.59 -4.64
C ALA A 215 2.06 8.66 -5.83
N VAL A 216 1.81 7.37 -5.59
CA VAL A 216 1.61 6.41 -6.66
C VAL A 216 0.22 5.77 -6.58
N LYS A 217 -0.71 6.43 -5.89
CA LYS A 217 -2.14 6.10 -5.90
C LYS A 217 -2.47 4.77 -5.24
N LEU A 218 -1.61 4.26 -4.37
CA LEU A 218 -2.02 3.17 -3.49
C LEU A 218 -3.00 3.69 -2.45
N ASN A 219 -3.97 2.86 -2.06
CA ASN A 219 -5.09 3.35 -1.28
C ASN A 219 -5.39 2.55 -0.01
N THR A 220 -4.58 1.57 0.35
CA THR A 220 -4.88 0.74 1.52
C THR A 220 -3.62 0.47 2.33
N ASP A 221 -3.63 0.90 3.58
CA ASP A 221 -2.55 0.62 4.53
C ASP A 221 -3.07 -0.45 5.49
N HIS A 222 -2.64 -1.68 5.26
CA HIS A 222 -3.03 -2.81 6.11
C HIS A 222 -2.08 -2.83 7.31
N TRP A 223 -2.60 -2.44 8.47
CA TRP A 223 -1.79 -2.24 9.67
C TRP A 223 -1.85 -3.53 10.50
N HIS A 224 -0.88 -4.41 10.28
CA HIS A 224 -0.72 -5.64 11.05
C HIS A 224 -0.14 -5.25 12.41
N ILE A 225 -1.04 -4.85 13.32
CA ILE A 225 -0.64 -4.11 14.51
C ILE A 225 -0.31 -4.98 15.72
N THR A 226 -0.66 -6.26 15.70
CA THR A 226 -0.32 -7.15 16.81
C THR A 226 0.22 -8.47 16.27
N ASP A 227 0.96 -9.17 17.11
CA ASP A 227 1.48 -10.51 16.80
C ASP A 227 2.05 -11.09 18.09
N SER A 228 2.78 -12.20 17.96
CA SER A 228 3.33 -12.88 19.12
C SER A 228 4.35 -12.01 19.85
N GLN A 229 5.16 -11.26 19.10
CA GLN A 229 6.32 -10.59 19.67
C GLN A 229 5.99 -9.32 20.44
N SER A 230 4.87 -8.66 20.14
CA SER A 230 4.53 -7.44 20.85
C SER A 230 3.06 -7.09 20.63
N PHE A 231 2.55 -6.22 21.50
CA PHE A 231 1.17 -5.75 21.46
C PHE A 231 1.20 -4.23 21.65
N PRO A 232 1.53 -3.47 20.61
CA PRO A 232 1.64 -2.02 20.75
C PRO A 232 0.32 -1.26 20.68
N PHE A 233 -0.75 -1.90 20.23
CA PHE A 233 -2.04 -1.20 20.12
C PHE A 233 -2.56 -0.87 21.52
N VAL A 234 -2.78 0.41 21.79
CA VAL A 234 -3.29 0.86 23.08
C VAL A 234 -4.79 0.57 23.10
N THR A 235 -5.18 -0.51 23.78
CA THR A 235 -6.58 -0.85 23.99
C THR A 235 -6.98 -0.37 25.38
N THR A 236 -7.91 0.59 25.42
CA THR A 236 -8.29 1.20 26.69
C THR A 236 -9.04 0.21 27.59
N LYS A 237 -9.87 -0.64 26.99
CA LYS A 237 -10.69 -1.56 27.78
C LYS A 237 -9.90 -2.74 28.35
N ARG A 238 -8.74 -3.05 27.77
CA ARG A 238 -7.89 -4.14 28.26
C ARG A 238 -6.45 -3.65 28.36
N PRO A 239 -6.18 -2.66 29.21
CA PRO A 239 -4.88 -1.98 29.16
C PRO A 239 -3.69 -2.86 29.48
N ASN A 240 -3.87 -3.98 30.18
CA ASN A 240 -2.74 -4.85 30.48
C ASN A 240 -2.14 -5.47 29.23
N LEU A 241 -2.91 -5.59 28.15
CA LEU A 241 -2.39 -6.19 26.93
C LEU A 241 -1.23 -5.40 26.37
N TYR A 242 -1.37 -4.07 26.29
CA TYR A 242 -0.29 -3.26 25.74
C TYR A 242 0.75 -2.90 26.80
N LYS A 243 0.33 -2.81 28.07
CA LYS A 243 1.30 -2.51 29.11
C LYS A 243 2.29 -3.65 29.30
N PHE A 244 1.82 -4.90 29.24
CA PHE A 244 2.71 -6.04 29.30
C PHE A 244 3.24 -6.44 27.92
N GLY A 245 2.57 -6.06 26.85
CA GLY A 245 2.91 -6.56 25.53
C GLY A 245 3.81 -5.66 24.70
N ALA A 246 3.87 -4.38 25.03
CA ALA A 246 4.69 -3.45 24.27
C ALA A 246 6.18 -3.72 24.51
N LEU A 247 6.99 -3.39 23.51
CA LEU A 247 8.44 -3.52 23.66
C LEU A 247 9.01 -2.50 24.63
N SER A 248 8.31 -1.39 24.83
CA SER A 248 8.72 -0.34 25.76
C SER A 248 7.53 0.61 25.91
N PRO A 249 7.51 1.43 26.97
CA PRO A 249 6.36 2.33 27.17
C PRO A 249 6.15 3.31 26.05
N GLN A 250 7.19 3.69 25.31
CA GLN A 250 7.06 4.62 24.20
C GLN A 250 6.82 3.93 22.88
N LYS A 251 7.04 2.62 22.80
CA LYS A 251 6.78 1.87 21.56
C LYS A 251 5.36 1.30 21.58
N VAL A 252 4.40 2.23 21.59
CA VAL A 252 2.98 1.92 21.56
C VAL A 252 2.33 2.78 20.49
N TYR A 253 1.03 2.57 20.29
CA TYR A 253 0.23 3.35 19.36
C TYR A 253 -1.02 3.82 20.10
N THR A 254 -1.00 5.07 20.55
CA THR A 254 -2.10 5.59 21.34
C THR A 254 -3.31 5.88 20.45
N LYS A 255 -4.45 6.13 21.11
CA LYS A 255 -5.65 6.51 20.37
C LYS A 255 -5.41 7.78 19.56
N ALA A 256 -4.75 8.78 20.17
CA ALA A 256 -4.50 10.03 19.46
C ALA A 256 -3.58 9.81 18.26
N ALA A 257 -2.56 8.97 18.43
CA ALA A 257 -1.63 8.72 17.32
C ALA A 257 -2.33 7.98 16.18
N ILE A 258 -3.15 6.98 16.51
CA ILE A 258 -3.85 6.23 15.46
C ILE A 258 -4.84 7.12 14.73
N ARG A 259 -5.59 7.95 15.47
CA ARG A 259 -6.48 8.92 14.84
C ARG A 259 -5.70 9.84 13.91
N GLU A 260 -4.49 10.22 14.30
CA GLU A 260 -3.63 11.01 13.42
C GLU A 260 -3.35 10.26 12.12
N VAL A 261 -2.92 9.00 12.24
CA VAL A 261 -2.59 8.21 11.06
C VAL A 261 -3.83 8.00 10.20
N VAL A 262 -4.97 7.70 10.83
CA VAL A 262 -6.20 7.44 10.09
C VAL A 262 -6.63 8.69 9.32
N ARG A 263 -6.59 9.85 9.99
CA ARG A 263 -6.94 11.10 9.32
C ARG A 263 -5.92 11.46 8.25
N PHE A 264 -4.63 11.27 8.55
CA PHE A 264 -3.59 11.49 7.55
C PHE A 264 -3.84 10.65 6.30
N GLY A 265 -4.26 9.40 6.48
CA GLY A 265 -4.54 8.55 5.33
C GLY A 265 -5.76 9.00 4.56
N LEU A 266 -6.83 9.38 5.28
CA LEU A 266 -8.06 9.80 4.62
C LEU A 266 -7.82 11.01 3.73
N GLU A 267 -7.05 11.98 4.22
CA GLU A 267 -6.72 13.15 3.41
C GLU A 267 -5.98 12.80 2.13
N ARG A 268 -5.39 11.59 2.07
CA ARG A 268 -4.59 11.18 0.92
C ARG A 268 -5.19 9.98 0.21
N GLY A 269 -6.47 9.68 0.46
CA GLY A 269 -7.12 8.57 -0.22
C GLY A 269 -6.64 7.20 0.19
N VAL A 270 -6.10 7.07 1.40
CA VAL A 270 -5.56 5.80 1.90
C VAL A 270 -6.44 5.31 3.05
N ARG A 271 -7.05 4.15 2.85
CA ARG A 271 -7.81 3.50 3.91
C ARG A 271 -6.86 2.74 4.83
N VAL A 272 -6.98 2.98 6.13
CA VAL A 272 -6.12 2.35 7.13
C VAL A 272 -6.86 1.15 7.67
N LEU A 273 -6.44 -0.06 7.25
CA LEU A 273 -7.14 -1.29 7.53
C LEU A 273 -6.47 -2.01 8.69
N PRO A 274 -7.08 -2.10 9.87
CA PRO A 274 -6.43 -2.76 11.00
C PRO A 274 -6.63 -4.27 10.95
N GLU A 275 -5.64 -4.98 11.48
CA GLU A 275 -5.70 -6.44 11.58
C GLU A 275 -5.40 -6.85 13.02
N PHE A 276 -6.23 -7.74 13.56
CA PHE A 276 -5.89 -8.48 14.77
C PHE A 276 -5.78 -9.95 14.38
N ASP A 277 -4.54 -10.39 14.14
CA ASP A 277 -4.28 -11.79 13.82
C ASP A 277 -4.72 -12.69 14.97
N ALA A 278 -5.47 -13.74 14.65
CA ALA A 278 -5.98 -14.68 15.64
C ALA A 278 -6.40 -15.95 14.93
N PRO A 279 -6.40 -17.11 15.61
CA PRO A 279 -6.04 -17.33 17.02
C PRO A 279 -4.56 -17.62 17.25
N ALA A 280 -3.80 -17.82 16.17
CA ALA A 280 -2.35 -17.89 16.31
C ALA A 280 -1.78 -16.47 16.28
N HIS A 281 -0.45 -16.37 16.29
CA HIS A 281 0.24 -15.08 16.25
C HIS A 281 -0.16 -14.20 17.42
N VAL A 282 -0.27 -14.80 18.60
CA VAL A 282 -0.53 -14.06 19.83
C VAL A 282 0.49 -14.50 20.86
N GLY A 283 0.75 -13.62 21.82
CA GLY A 283 1.74 -13.90 22.85
C GLY A 283 1.86 -12.80 23.87
N GLU A 284 2.89 -11.97 23.72
CA GLU A 284 3.19 -10.90 24.67
C GLU A 284 1.98 -9.99 24.85
N GLY A 285 1.64 -9.69 26.09
CA GLY A 285 0.44 -8.96 26.43
C GLY A 285 -0.62 -9.82 27.10
N TRP A 286 -0.63 -11.12 26.80
CA TRP A 286 -1.63 -12.04 27.32
C TRP A 286 -1.19 -12.77 28.58
N GLN A 287 -0.02 -12.45 29.11
CA GLN A 287 0.44 -13.06 30.34
C GLN A 287 -0.54 -12.76 31.48
N ASP A 288 -0.67 -13.73 32.39
CA ASP A 288 -1.53 -13.65 33.58
C ASP A 288 -3.01 -13.63 33.25
N THR A 289 -3.40 -13.96 32.01
CA THR A 289 -4.82 -14.07 31.66
C THR A 289 -5.29 -15.51 31.49
N ASP A 290 -4.37 -16.46 31.33
CA ASP A 290 -4.70 -17.86 31.10
C ASP A 290 -5.56 -18.06 29.87
N LEU A 291 -5.46 -17.14 28.91
CA LEU A 291 -6.22 -17.21 27.67
C LEU A 291 -5.38 -17.67 26.48
N THR A 292 -4.11 -18.01 26.70
CA THR A 292 -3.25 -18.50 25.64
C THR A 292 -2.62 -19.82 26.04
N VAL A 293 -1.94 -20.45 25.08
CA VAL A 293 -1.28 -21.73 25.29
C VAL A 293 0.05 -21.73 24.53
N CYS A 294 1.01 -22.48 25.06
CA CYS A 294 2.34 -22.67 24.46
C CYS A 294 3.10 -21.36 24.27
N PHE A 295 2.84 -20.35 25.08
CA PHE A 295 3.61 -19.13 24.98
C PHE A 295 5.06 -19.42 25.38
N LYS A 296 5.99 -19.14 24.45
CA LYS A 296 7.41 -19.43 24.62
C LYS A 296 7.67 -20.91 24.80
N ALA A 297 6.81 -21.75 24.21
CA ALA A 297 6.99 -23.19 24.31
C ALA A 297 8.28 -23.63 23.64
N GLU A 298 8.97 -24.59 24.28
CA GLU A 298 10.24 -25.08 23.78
C GLU A 298 10.20 -26.60 23.65
N PRO A 299 10.77 -27.16 22.58
CA PRO A 299 11.43 -26.45 21.47
C PRO A 299 10.44 -25.82 20.49
N TRP A 300 10.68 -24.57 20.10
CA TRP A 300 9.67 -23.81 19.39
C TRP A 300 9.37 -24.40 18.01
N LYS A 301 10.35 -25.05 17.38
CA LYS A 301 10.11 -25.63 16.07
C LYS A 301 9.11 -26.79 16.11
N SER A 302 8.80 -27.31 17.29
CA SER A 302 7.76 -28.33 17.43
C SER A 302 6.36 -27.75 17.61
N TYR A 303 6.24 -26.44 17.83
CA TYR A 303 4.97 -25.85 18.23
C TYR A 303 4.52 -24.64 17.42
N CYS A 304 5.38 -24.02 16.60
CA CYS A 304 4.97 -22.86 15.84
C CYS A 304 5.96 -22.58 14.73
N VAL A 305 5.61 -21.62 13.87
CA VAL A 305 6.41 -21.33 12.68
C VAL A 305 7.67 -20.56 13.05
N GLU A 306 7.58 -19.63 14.00
CA GLU A 306 8.75 -18.86 14.44
C GLU A 306 8.56 -18.50 15.91
N PRO A 307 9.65 -18.39 16.67
CA PRO A 307 9.50 -18.05 18.09
C PRO A 307 9.12 -16.59 18.25
N PRO A 308 8.35 -16.25 19.30
CA PRO A 308 7.85 -17.20 20.30
C PRO A 308 6.51 -17.83 19.94
N CYS A 309 6.31 -19.08 20.35
CA CYS A 309 5.02 -19.73 20.12
C CYS A 309 3.96 -19.10 21.01
N GLY A 310 2.71 -19.47 20.75
CA GLY A 310 1.59 -18.96 21.52
C GLY A 310 0.32 -18.81 20.69
N GLN A 311 -0.79 -19.35 21.19
CA GLN A 311 -2.07 -19.27 20.51
C GLN A 311 -3.17 -19.01 21.53
N LEU A 312 -4.23 -18.36 21.07
CA LEU A 312 -5.39 -18.16 21.93
C LEU A 312 -6.03 -19.50 22.28
N ASN A 313 -6.63 -19.56 23.47
CA ASN A 313 -7.36 -20.74 23.91
C ASN A 313 -8.84 -20.49 23.64
N PRO A 314 -9.41 -21.01 22.55
CA PRO A 314 -10.81 -20.70 22.24
C PRO A 314 -11.83 -21.34 23.16
N THR A 315 -11.41 -22.25 24.04
CA THR A 315 -12.36 -22.92 24.94
C THR A 315 -12.75 -22.05 26.13
N LYS A 316 -12.05 -20.96 26.39
CA LYS A 316 -12.37 -20.08 27.50
C LYS A 316 -13.35 -19.01 27.04
N ASP A 317 -14.51 -18.94 27.71
CA ASP A 317 -15.53 -17.97 27.32
C ASP A 317 -15.06 -16.54 27.51
N GLU A 318 -14.17 -16.30 28.48
CA GLU A 318 -13.66 -14.96 28.73
C GLU A 318 -12.83 -14.43 27.56
N LEU A 319 -12.30 -15.33 26.71
CA LEU A 319 -11.52 -14.90 25.56
C LEU A 319 -12.32 -13.95 24.67
N TYR A 320 -13.58 -14.27 24.41
CA TYR A 320 -14.39 -13.49 23.49
C TYR A 320 -14.85 -12.17 24.09
N GLN A 321 -14.77 -12.02 25.41
CA GLN A 321 -14.94 -10.71 26.02
C GLN A 321 -13.70 -9.85 25.81
N TYR A 322 -12.52 -10.46 25.84
CA TYR A 322 -11.30 -9.73 25.50
C TYR A 322 -11.31 -9.30 24.04
N LEU A 323 -11.59 -10.24 23.13
CA LEU A 323 -11.58 -9.92 21.70
C LEU A 323 -12.60 -8.84 21.37
N GLU A 324 -13.78 -8.93 21.96
CA GLU A 324 -14.81 -7.92 21.71
C GLU A 324 -14.34 -6.53 22.12
N ASP A 325 -13.67 -6.43 23.27
CA ASP A 325 -13.14 -5.15 23.70
C ASP A 325 -12.01 -4.67 22.80
N ILE A 326 -11.14 -5.59 22.36
CA ILE A 326 -10.07 -5.22 21.44
C ILE A 326 -10.65 -4.68 20.14
N TYR A 327 -11.56 -5.46 19.51
CA TYR A 327 -12.15 -5.02 18.26
C TYR A 327 -12.87 -3.69 18.42
N SER A 328 -13.57 -3.51 19.55
CA SER A 328 -14.32 -2.27 19.77
C SER A 328 -13.39 -1.07 19.86
N ASP A 329 -12.28 -1.22 20.60
CA ASP A 329 -11.30 -0.13 20.64
C ASP A 329 -10.70 0.13 19.28
N MET A 330 -10.48 -0.93 18.49
CA MET A 330 -9.98 -0.76 17.13
C MET A 330 -10.99 -0.01 16.28
N ALA A 331 -12.27 -0.41 16.36
CA ALA A 331 -13.30 0.23 15.55
C ALA A 331 -13.46 1.70 15.91
N GLU A 332 -13.10 2.08 17.14
CA GLU A 332 -13.26 3.47 17.56
C GLU A 332 -12.27 4.38 16.85
N VAL A 333 -11.01 3.96 16.77
CA VAL A 333 -9.98 4.81 16.18
C VAL A 333 -9.80 4.54 14.69
N PHE A 334 -9.93 3.28 14.27
CA PHE A 334 -9.92 2.94 12.84
C PHE A 334 -11.34 3.11 12.29
N ASP A 335 -11.79 4.37 12.26
CA ASP A 335 -13.18 4.68 11.94
C ASP A 335 -13.39 5.07 10.48
N THR A 336 -12.40 4.84 9.61
CA THR A 336 -12.61 4.99 8.18
C THR A 336 -12.59 3.67 7.43
N THR A 337 -12.20 2.58 8.07
CA THR A 337 -12.10 1.30 7.38
C THR A 337 -13.47 0.69 7.15
N ASP A 338 -13.66 0.12 5.96
CA ASP A 338 -14.86 -0.64 5.61
C ASP A 338 -14.62 -2.14 5.69
N ILE A 339 -13.40 -2.55 6.00
CA ILE A 339 -12.99 -3.94 6.04
C ILE A 339 -12.22 -4.17 7.34
N PHE A 340 -12.33 -5.38 7.88
CA PHE A 340 -11.57 -5.78 9.06
C PHE A 340 -10.81 -7.05 8.73
N HIS A 341 -9.50 -7.03 8.97
CA HIS A 341 -8.65 -8.20 8.76
C HIS A 341 -8.55 -8.97 10.06
N MET A 342 -8.90 -10.26 10.02
CA MET A 342 -8.89 -11.10 11.21
C MET A 342 -7.78 -12.14 11.18
N GLY A 343 -6.78 -11.93 10.32
CA GLY A 343 -5.61 -12.80 10.29
C GLY A 343 -5.88 -14.18 9.76
N GLY A 344 -6.14 -15.13 10.65
CA GLY A 344 -6.30 -16.50 10.22
C GLY A 344 -5.02 -17.17 9.77
N ASP A 345 -3.87 -16.67 10.23
CA ASP A 345 -2.60 -17.32 9.93
C ASP A 345 -2.60 -18.75 10.47
N GLU A 346 -1.76 -19.58 9.88
CA GLU A 346 -1.81 -21.02 10.12
C GLU A 346 -1.72 -21.33 11.60
N VAL A 347 -2.69 -22.09 12.09
CA VAL A 347 -2.76 -22.50 13.48
C VAL A 347 -1.95 -23.77 13.67
N SER A 348 -1.24 -23.83 14.79
CA SER A 348 -0.45 -25.02 15.15
C SER A 348 -1.34 -25.97 15.92
N GLU A 349 -1.54 -27.18 15.39
CA GLU A 349 -2.37 -28.17 16.06
C GLU A 349 -1.63 -28.84 17.20
N ALA A 350 -0.30 -28.96 17.10
CA ALA A 350 0.48 -29.52 18.21
C ALA A 350 0.39 -28.64 19.45
N CYS A 351 0.25 -27.33 19.25
CA CYS A 351 0.14 -26.42 20.39
C CYS A 351 -1.19 -26.59 21.12
N TRP A 352 -2.29 -26.57 20.36
CA TRP A 352 -3.61 -26.73 20.97
C TRP A 352 -3.75 -28.08 21.65
N ASN A 353 -3.16 -29.11 21.06
CA ASN A 353 -3.26 -30.45 21.63
C ASN A 353 -2.55 -30.56 22.98
N SER A 354 -1.45 -29.83 23.16
CA SER A 354 -0.67 -29.91 24.39
C SER A 354 -1.36 -29.24 25.58
N SER A 355 -2.60 -28.80 25.46
CA SER A 355 -3.34 -28.20 26.57
C SER A 355 -4.40 -29.17 27.05
N ASP A 356 -4.41 -29.44 28.36
CA ASP A 356 -5.41 -30.34 28.93
C ASP A 356 -6.80 -29.74 28.83
N SER A 357 -6.94 -28.46 29.19
CA SER A 357 -8.24 -27.80 29.11
C SER A 357 -8.82 -27.85 27.71
N ILE A 358 -7.96 -27.78 26.69
CA ILE A 358 -8.43 -27.88 25.32
C ILE A 358 -8.82 -29.32 24.99
N GLN A 359 -7.99 -30.28 25.42
CA GLN A 359 -8.29 -31.69 25.17
C GLN A 359 -9.58 -32.11 25.88
N ASN A 360 -9.76 -31.66 27.12
CA ASN A 360 -10.98 -31.96 27.84
C ASN A 360 -12.20 -31.35 27.15
N PHE A 361 -12.03 -30.15 26.59
CA PHE A 361 -13.13 -29.50 25.89
C PHE A 361 -13.55 -30.31 24.66
N MET A 362 -12.59 -30.93 23.98
CA MET A 362 -12.90 -31.68 22.77
C MET A 362 -13.38 -33.09 23.07
N MET A 363 -12.85 -33.71 24.12
CA MET A 363 -13.41 -34.98 24.57
C MET A 363 -14.84 -34.81 25.05
N GLN A 364 -15.11 -33.72 25.79
CA GLN A 364 -16.46 -33.44 26.26
C GLN A 364 -17.42 -33.25 25.10
N ASN A 365 -16.94 -32.70 23.98
CA ASN A 365 -17.73 -32.61 22.78
C ASN A 365 -17.58 -33.89 21.95
N ARG A 366 -18.26 -33.93 20.81
CA ARG A 366 -18.24 -35.08 19.92
C ARG A 366 -16.98 -35.13 19.03
N TRP A 367 -15.91 -34.47 19.43
CA TRP A 367 -14.71 -34.40 18.61
C TRP A 367 -13.64 -35.33 19.17
N ASP A 368 -12.73 -35.75 18.32
CA ASP A 368 -11.56 -36.52 18.70
C ASP A 368 -10.36 -35.56 18.75
N LEU A 369 -9.14 -36.11 18.76
CA LEU A 369 -7.94 -35.30 18.86
C LEU A 369 -7.09 -35.45 17.60
N ASP A 370 -7.74 -35.48 16.45
CA ASP A 370 -7.08 -35.62 15.16
C ASP A 370 -7.03 -34.27 14.45
N LYS A 371 -6.30 -34.22 13.33
CA LYS A 371 -6.19 -32.99 12.55
C LYS A 371 -7.57 -32.43 12.21
N GLU A 372 -8.52 -33.30 11.84
CA GLU A 372 -9.83 -32.80 11.44
C GLU A 372 -10.58 -32.16 12.59
N SER A 373 -10.33 -32.59 13.82
CA SER A 373 -11.06 -32.04 14.97
C SER A 373 -10.51 -30.69 15.39
N PHE A 374 -9.22 -30.43 15.16
CA PHE A 374 -8.71 -29.09 15.45
C PHE A 374 -9.17 -28.08 14.41
N LEU A 375 -9.59 -28.55 13.23
CA LEU A 375 -10.32 -27.67 12.33
C LEU A 375 -11.70 -27.33 12.89
N LYS A 376 -12.29 -28.25 13.65
CA LYS A 376 -13.52 -27.93 14.38
C LYS A 376 -13.27 -26.78 15.35
N LEU A 377 -12.19 -26.86 16.12
CA LEU A 377 -11.90 -25.84 17.12
C LEU A 377 -11.62 -24.49 16.48
N TRP A 378 -10.86 -24.49 15.37
CA TRP A 378 -10.55 -23.24 14.69
C TRP A 378 -11.81 -22.57 14.16
N ASN A 379 -12.65 -23.33 13.45
CA ASN A 379 -13.91 -22.76 12.97
C ASN A 379 -14.79 -22.34 14.14
N TYR A 380 -14.75 -23.11 15.24
CA TYR A 380 -15.47 -22.71 16.44
C TYR A 380 -14.99 -21.35 16.93
N PHE A 381 -13.67 -21.14 16.96
CA PHE A 381 -13.14 -19.84 17.37
C PHE A 381 -13.53 -18.75 16.38
N GLN A 382 -13.32 -18.99 15.08
CA GLN A 382 -13.56 -17.96 14.09
C GLN A 382 -15.03 -17.54 14.07
N GLN A 383 -15.94 -18.48 14.31
CA GLN A 383 -17.36 -18.16 14.32
C GLN A 383 -17.69 -17.17 15.44
N LYS A 384 -17.13 -17.39 16.62
CA LYS A 384 -17.42 -16.50 17.75
C LYS A 384 -16.68 -15.18 17.62
N ALA A 385 -15.40 -15.23 17.23
CA ALA A 385 -14.67 -13.99 17.01
C ALA A 385 -15.36 -13.11 15.97
N GLN A 386 -15.82 -13.73 14.87
CA GLN A 386 -16.55 -12.99 13.85
C GLN A 386 -17.78 -12.29 14.44
N ASP A 387 -18.51 -12.96 15.32
CA ASP A 387 -19.66 -12.34 15.95
C ASP A 387 -19.25 -11.09 16.72
N LYS A 388 -18.14 -11.15 17.45
CA LYS A 388 -17.69 -10.00 18.23
C LYS A 388 -17.22 -8.88 17.31
N ALA A 389 -16.55 -9.22 16.21
CA ALA A 389 -16.11 -8.20 15.26
C ALA A 389 -17.30 -7.43 14.69
N TYR A 390 -18.36 -8.14 14.32
CA TYR A 390 -19.58 -7.47 13.83
C TYR A 390 -20.15 -6.55 14.89
N LYS A 391 -20.23 -7.03 16.13
CA LYS A 391 -20.76 -6.22 17.23
C LYS A 391 -19.89 -4.99 17.45
N ALA A 392 -18.57 -5.17 17.42
CA ALA A 392 -17.66 -4.06 17.70
C ALA A 392 -17.78 -2.97 16.64
N PHE A 393 -17.86 -3.34 15.38
CA PHE A 393 -18.02 -2.35 14.33
C PHE A 393 -19.47 -1.91 14.16
N GLY A 394 -20.40 -2.49 14.92
CA GLY A 394 -21.80 -2.11 14.83
C GLY A 394 -22.40 -2.32 13.46
N LYS A 395 -21.88 -3.29 12.71
CA LYS A 395 -22.23 -3.47 11.31
C LYS A 395 -21.58 -4.76 10.83
N LYS A 396 -22.28 -5.46 9.94
CA LYS A 396 -21.67 -6.56 9.21
C LYS A 396 -20.79 -5.97 8.11
N LEU A 397 -19.50 -6.27 8.15
CA LEU A 397 -18.53 -5.74 7.21
C LEU A 397 -17.65 -6.87 6.71
N PRO A 398 -17.05 -6.73 5.54
CA PRO A 398 -16.20 -7.80 5.01
C PRO A 398 -15.04 -8.11 5.95
N LEU A 399 -14.70 -9.39 6.06
CA LEU A 399 -13.59 -9.86 6.86
C LEU A 399 -12.56 -10.54 5.97
N ILE A 400 -11.29 -10.37 6.31
CA ILE A 400 -10.19 -10.95 5.54
C ILE A 400 -9.52 -12.04 6.35
N LEU A 401 -9.21 -13.15 5.71
CA LEU A 401 -8.39 -14.22 6.28
C LEU A 401 -7.34 -14.62 5.25
N TRP A 402 -6.25 -15.19 5.75
CA TRP A 402 -5.20 -15.67 4.88
C TRP A 402 -5.53 -17.06 4.35
N THR A 403 -4.92 -17.42 3.22
CA THR A 403 -4.94 -18.80 2.77
C THR A 403 -4.29 -19.68 3.83
N SER A 404 -5.01 -20.70 4.28
CA SER A 404 -4.52 -21.60 5.30
C SER A 404 -5.25 -22.94 5.13
N THR A 405 -5.03 -23.85 6.08
CA THR A 405 -5.79 -25.09 6.07
C THR A 405 -7.26 -24.84 6.36
N LEU A 406 -7.57 -23.75 7.08
CA LEU A 406 -8.96 -23.41 7.32
C LEU A 406 -9.66 -22.93 6.05
N THR A 407 -8.93 -22.26 5.17
CA THR A 407 -9.51 -21.67 3.97
C THR A 407 -9.18 -22.45 2.71
N ASN A 408 -8.65 -23.66 2.83
CA ASN A 408 -8.53 -24.57 1.69
C ASN A 408 -9.87 -24.65 0.98
N TYR A 409 -9.85 -24.41 -0.34
CA TYR A 409 -11.09 -24.31 -1.10
C TYR A 409 -11.90 -25.60 -1.07
N LYS A 410 -11.27 -26.73 -0.77
CA LYS A 410 -11.98 -28.01 -0.77
C LYS A 410 -13.04 -28.07 0.32
N HIS A 411 -12.81 -27.40 1.46
CA HIS A 411 -13.75 -27.43 2.56
C HIS A 411 -14.04 -26.05 3.14
N ILE A 412 -13.63 -24.97 2.48
CA ILE A 412 -13.82 -23.63 3.04
C ILE A 412 -15.30 -23.32 3.21
N ASP A 413 -16.16 -23.85 2.33
CA ASP A 413 -17.58 -23.57 2.42
C ASP A 413 -18.22 -24.21 3.65
N ASP A 414 -17.57 -25.20 4.26
CA ASP A 414 -18.05 -25.74 5.52
C ASP A 414 -18.09 -24.67 6.60
N TYR A 415 -17.14 -23.72 6.55
CA TYR A 415 -16.93 -22.75 7.61
C TYR A 415 -17.35 -21.35 7.22
N LEU A 416 -16.84 -20.83 6.11
CA LEU A 416 -17.08 -19.46 5.69
C LEU A 416 -18.01 -19.44 4.47
N ASN A 417 -18.25 -18.23 3.97
CA ASN A 417 -18.98 -18.03 2.72
C ASN A 417 -18.31 -16.89 1.97
N LYS A 418 -18.49 -16.89 0.64
CA LYS A 418 -17.78 -15.93 -0.20
C LYS A 418 -18.28 -14.50 -0.02
N ASP A 419 -19.47 -14.31 0.55
CA ASP A 419 -19.97 -12.96 0.74
C ASP A 419 -19.43 -12.30 1.99
N ASP A 420 -19.05 -13.09 2.99
CA ASP A 420 -18.60 -12.56 4.27
C ASP A 420 -17.07 -12.49 4.40
N TYR A 421 -16.33 -13.28 3.63
CA TYR A 421 -14.90 -13.41 3.84
C TYR A 421 -14.14 -13.16 2.53
N ILE A 422 -13.19 -12.24 2.59
CA ILE A 422 -12.20 -12.04 1.55
C ILE A 422 -10.97 -12.85 1.92
N ILE A 423 -10.30 -13.43 0.94
CA ILE A 423 -9.15 -14.29 1.17
C ILE A 423 -7.91 -13.61 0.64
N GLN A 424 -6.93 -13.39 1.51
CA GLN A 424 -5.62 -12.89 1.11
C GLN A 424 -4.72 -14.08 0.79
N VAL A 425 -4.07 -14.02 -0.36
CA VAL A 425 -3.35 -15.16 -0.92
C VAL A 425 -1.85 -14.89 -0.83
N TRP A 426 -1.13 -15.77 -0.13
CA TRP A 426 0.33 -15.70 -0.12
C TRP A 426 0.98 -16.73 -1.05
N THR A 427 0.24 -17.75 -1.47
CA THR A 427 0.79 -18.77 -2.35
C THR A 427 1.13 -18.19 -3.73
N THR A 428 1.94 -18.93 -4.47
CA THR A 428 2.34 -18.50 -5.81
C THR A 428 1.13 -18.44 -6.72
N GLY A 429 1.28 -17.66 -7.80
CA GLY A 429 0.20 -17.47 -8.75
C GLY A 429 -0.19 -18.70 -9.55
N VAL A 430 0.60 -19.77 -9.47
CA VAL A 430 0.31 -21.02 -10.16
C VAL A 430 -0.18 -22.09 -9.19
N ASP A 431 -0.48 -21.72 -7.95
CA ASP A 431 -0.94 -22.68 -6.97
C ASP A 431 -2.39 -23.06 -7.26
N PRO A 432 -2.75 -24.35 -7.13
CA PRO A 432 -4.14 -24.76 -7.41
C PRO A 432 -5.18 -24.11 -6.51
N GLN A 433 -4.78 -23.66 -5.31
CA GLN A 433 -5.75 -23.08 -4.39
C GLN A 433 -6.41 -21.83 -4.97
N ILE A 434 -5.68 -21.08 -5.80
CA ILE A 434 -6.24 -19.85 -6.34
C ILE A 434 -7.37 -20.15 -7.31
N LYS A 435 -7.18 -21.15 -8.19
CA LYS A 435 -8.24 -21.52 -9.12
C LYS A 435 -9.45 -22.10 -8.41
N GLY A 436 -9.21 -22.96 -7.40
CA GLY A 436 -10.31 -23.54 -6.66
C GLY A 436 -11.10 -22.50 -5.88
N LEU A 437 -10.40 -21.56 -5.23
CA LEU A 437 -11.08 -20.50 -4.50
C LEU A 437 -11.91 -19.63 -5.44
N LEU A 438 -11.37 -19.34 -6.63
CA LEU A 438 -12.08 -18.47 -7.56
C LEU A 438 -13.33 -19.14 -8.11
N GLU A 439 -13.25 -20.45 -8.37
CA GLU A 439 -14.42 -21.18 -8.86
C GLU A 439 -15.53 -21.25 -7.82
N LYS A 440 -15.20 -21.16 -6.54
CA LYS A 440 -16.21 -21.08 -5.49
C LYS A 440 -16.71 -19.67 -5.25
N GLY A 441 -16.31 -18.71 -6.09
CA GLY A 441 -16.82 -17.36 -5.99
C GLY A 441 -16.12 -16.48 -4.97
N TYR A 442 -15.03 -16.94 -4.36
CA TYR A 442 -14.36 -16.17 -3.33
C TYR A 442 -13.56 -15.03 -3.94
N ARG A 443 -13.56 -13.90 -3.23
CA ARG A 443 -12.79 -12.72 -3.64
C ARG A 443 -11.39 -12.80 -3.06
N LEU A 444 -10.41 -12.36 -3.83
CA LEU A 444 -9.00 -12.56 -3.49
C LEU A 444 -8.25 -11.24 -3.41
N ILE A 445 -7.25 -11.21 -2.54
CA ILE A 445 -6.25 -10.15 -2.49
C ILE A 445 -4.89 -10.82 -2.70
N MET A 446 -4.18 -10.41 -3.75
CA MET A 446 -2.95 -11.09 -4.15
C MET A 446 -1.77 -10.58 -3.35
N SER A 447 -1.10 -11.48 -2.64
CA SER A 447 0.14 -11.18 -1.93
C SER A 447 1.10 -12.36 -2.07
N ASN A 448 1.25 -12.84 -3.31
CA ASN A 448 2.09 -14.00 -3.60
C ASN A 448 3.49 -13.81 -3.03
N TYR A 449 3.93 -14.78 -2.23
CA TYR A 449 5.22 -14.65 -1.55
C TYR A 449 6.40 -14.64 -2.50
N ASP A 450 6.24 -15.18 -3.72
CA ASP A 450 7.35 -15.16 -4.66
C ASP A 450 7.46 -13.84 -5.40
N ALA A 451 6.49 -12.94 -5.25
CA ALA A 451 6.56 -11.65 -5.93
C ALA A 451 6.19 -10.45 -5.06
N LEU A 452 5.59 -10.65 -3.88
CA LEU A 452 5.09 -9.52 -3.10
C LEU A 452 5.44 -9.61 -1.62
N TYR A 453 6.34 -10.50 -1.22
CA TYR A 453 6.85 -10.52 0.15
C TYR A 453 8.13 -9.69 0.16
N PHE A 454 8.02 -8.44 0.63
CA PHE A 454 9.12 -7.49 0.54
C PHE A 454 10.19 -7.71 1.61
N ASP A 455 10.02 -8.75 2.44
CA ASP A 455 11.00 -9.09 3.46
C ASP A 455 12.04 -10.09 2.98
N CYS A 456 11.81 -10.74 1.85
CA CYS A 456 12.69 -11.82 1.39
C CYS A 456 14.04 -11.29 0.93
N GLY A 457 15.07 -12.13 1.11
CA GLY A 457 16.38 -11.91 0.52
C GLY A 457 17.49 -11.66 1.51
N TYR A 458 17.19 -11.20 2.71
CA TYR A 458 18.22 -10.79 3.65
C TYR A 458 18.73 -11.99 4.45
N GLY A 459 19.68 -11.74 5.34
CA GLY A 459 20.24 -12.80 6.14
C GLY A 459 19.23 -13.42 7.08
N ALA A 460 19.51 -14.64 7.50
CA ALA A 460 18.64 -15.34 8.44
C ALA A 460 18.64 -14.63 9.78
N TRP A 461 17.49 -14.67 10.46
CA TRP A 461 17.39 -14.13 11.82
C TRP A 461 17.33 -15.21 12.89
N VAL A 462 17.25 -16.48 12.51
CA VAL A 462 17.59 -17.59 13.39
C VAL A 462 18.58 -18.47 12.64
N GLY A 463 19.68 -18.83 13.31
CA GLY A 463 20.73 -19.54 12.60
C GLY A 463 21.47 -18.62 11.63
N ALA A 464 22.02 -19.22 10.58
CA ALA A 464 22.78 -18.50 9.57
C ALA A 464 22.19 -18.76 8.19
N GLY A 465 22.74 -18.06 7.20
CA GLY A 465 22.25 -18.15 5.84
C GLY A 465 21.39 -16.95 5.45
N ASN A 466 20.26 -17.21 4.79
CA ASN A 466 19.33 -16.18 4.39
C ASN A 466 17.94 -16.56 4.90
N ASN A 467 17.03 -15.58 4.89
CA ASN A 467 15.70 -15.86 5.41
C ASN A 467 14.93 -16.79 4.46
N TRP A 468 13.75 -17.23 4.93
CA TRP A 468 13.13 -18.41 4.36
C TRP A 468 12.74 -18.24 2.90
N CYS A 469 12.30 -17.03 2.52
CA CYS A 469 11.76 -16.82 1.19
C CYS A 469 12.73 -16.09 0.26
N SER A 470 14.02 -16.13 0.58
CA SER A 470 15.04 -15.62 -0.34
C SER A 470 14.93 -16.35 -1.69
N PRO A 471 15.39 -15.73 -2.79
CA PRO A 471 16.13 -14.47 -2.90
C PRO A 471 15.29 -13.20 -2.81
N TYR A 472 16.00 -12.06 -2.84
CA TYR A 472 15.36 -10.75 -2.81
C TYR A 472 14.56 -10.53 -4.09
N ILE A 473 13.34 -10.02 -3.94
CA ILE A 473 12.43 -9.83 -5.07
C ILE A 473 12.66 -8.45 -5.64
N GLY A 474 13.28 -8.39 -6.83
CA GLY A 474 13.46 -7.12 -7.50
C GLY A 474 12.15 -6.55 -8.00
N TRP A 475 12.18 -5.25 -8.30
CA TRP A 475 10.96 -4.56 -8.76
C TRP A 475 10.46 -5.16 -10.07
N GLN A 476 11.36 -5.69 -10.91
CA GLN A 476 10.94 -6.30 -12.16
C GLN A 476 9.99 -7.46 -11.93
N LYS A 477 10.30 -8.32 -10.95
CA LYS A 477 9.42 -9.44 -10.63
C LYS A 477 8.11 -8.96 -10.02
N VAL A 478 8.16 -7.85 -9.26
CA VAL A 478 6.93 -7.29 -8.72
C VAL A 478 6.05 -6.76 -9.84
N TYR A 479 6.65 -6.13 -10.85
CA TYR A 479 5.87 -5.51 -11.92
C TYR A 479 5.20 -6.55 -12.80
N ASP A 480 5.90 -7.64 -13.11
CA ASP A 480 5.36 -8.62 -14.06
C ASP A 480 4.31 -9.54 -13.44
N ASN A 481 4.23 -9.61 -12.11
CA ASN A 481 3.23 -10.45 -11.46
C ASN A 481 1.86 -9.83 -11.64
N SER A 482 1.04 -10.44 -12.50
CA SER A 482 -0.24 -9.87 -12.88
C SER A 482 -1.39 -10.69 -12.32
N PRO A 483 -2.31 -10.07 -11.55
CA PRO A 483 -3.49 -10.81 -11.11
C PRO A 483 -4.39 -11.27 -12.25
N ALA A 484 -4.42 -10.52 -13.35
CA ALA A 484 -5.25 -10.93 -14.49
C ALA A 484 -4.75 -12.22 -15.11
N VAL A 485 -3.42 -12.41 -15.15
CA VAL A 485 -2.87 -13.68 -15.62
C VAL A 485 -3.17 -14.79 -14.62
N ILE A 486 -3.20 -14.46 -13.32
CA ILE A 486 -3.39 -15.48 -12.30
C ILE A 486 -4.86 -15.88 -12.19
N ALA A 487 -5.78 -14.92 -12.31
CA ALA A 487 -7.19 -15.19 -12.15
C ALA A 487 -7.91 -15.49 -13.47
N LEU A 488 -7.38 -15.01 -14.59
CA LEU A 488 -7.91 -15.29 -15.93
C LEU A 488 -9.35 -14.78 -16.01
N GLU A 489 -10.34 -15.63 -16.26
CA GLU A 489 -11.71 -15.19 -16.48
C GLU A 489 -12.34 -14.62 -15.21
N HIS A 490 -11.92 -15.11 -14.04
CA HIS A 490 -12.49 -14.68 -12.77
C HIS A 490 -11.87 -13.40 -12.22
N ARG A 491 -11.19 -12.62 -13.06
CA ARG A 491 -10.37 -11.52 -12.57
C ARG A 491 -11.19 -10.45 -11.84
N ASP A 492 -12.50 -10.38 -12.08
CA ASP A 492 -13.32 -9.42 -11.35
C ASP A 492 -13.43 -9.78 -9.87
N GLN A 493 -13.28 -11.06 -9.53
CA GLN A 493 -13.27 -11.46 -8.13
C GLN A 493 -11.97 -11.05 -7.43
N VAL A 494 -10.92 -10.76 -8.18
CA VAL A 494 -9.67 -10.26 -7.60
C VAL A 494 -9.86 -8.80 -7.25
N LEU A 495 -9.83 -8.49 -5.95
CA LEU A 495 -9.97 -7.12 -5.50
C LEU A 495 -8.69 -6.31 -5.67
N GLY A 496 -7.56 -6.98 -5.88
CA GLY A 496 -6.30 -6.30 -6.05
C GLY A 496 -5.15 -7.03 -5.42
N GLY A 497 -4.12 -6.30 -5.01
CA GLY A 497 -2.93 -6.89 -4.44
C GLY A 497 -2.41 -6.06 -3.29
N GLU A 498 -1.41 -6.62 -2.61
CA GLU A 498 -0.87 -5.97 -1.42
C GLU A 498 0.56 -6.44 -1.20
N ALA A 499 1.50 -5.50 -1.15
CA ALA A 499 2.87 -5.82 -0.81
C ALA A 499 2.99 -6.04 0.68
N ALA A 500 3.56 -7.17 1.07
CA ALA A 500 3.67 -7.56 2.47
C ALA A 500 5.06 -7.24 2.99
N LEU A 501 5.15 -6.37 3.99
CA LEU A 501 6.40 -6.08 4.68
C LEU A 501 6.30 -6.67 6.09
N TRP A 502 6.67 -7.94 6.20
CA TRP A 502 6.84 -8.54 7.53
C TRP A 502 8.11 -8.00 8.15
N SER A 503 8.09 -7.81 9.47
CA SER A 503 9.08 -6.96 10.13
C SER A 503 9.96 -7.73 11.11
N GLU A 504 10.18 -9.03 10.87
CA GLU A 504 11.20 -9.74 11.63
C GLU A 504 12.57 -9.09 11.45
N GLN A 505 12.82 -8.51 10.28
CA GLN A 505 14.08 -7.86 9.94
C GLN A 505 13.84 -6.50 9.32
N SER A 506 12.87 -5.76 9.87
CA SER A 506 12.58 -4.43 9.37
C SER A 506 11.91 -3.63 10.47
N ASP A 507 12.26 -2.35 10.56
CA ASP A 507 11.65 -1.45 11.53
C ASP A 507 11.69 -0.03 10.96
N THR A 508 11.61 0.97 11.83
CA THR A 508 11.60 2.37 11.41
C THR A 508 12.75 2.68 10.47
N SER A 509 13.94 2.14 10.76
CA SER A 509 15.14 2.52 10.01
C SER A 509 15.13 1.97 8.60
N THR A 510 14.53 0.81 8.38
CA THR A 510 14.56 0.13 7.08
C THR A 510 13.28 0.30 6.29
N LEU A 511 12.31 1.04 6.83
CA LEU A 511 10.99 1.15 6.22
C LEU A 511 11.07 1.66 4.78
N ASP A 512 11.78 2.76 4.56
CA ASP A 512 11.79 3.40 3.24
C ASP A 512 12.33 2.47 2.17
N GLY A 513 13.50 1.86 2.43
CA GLY A 513 14.11 1.01 1.43
C GLY A 513 13.33 -0.26 1.16
N ARG A 514 12.68 -0.82 2.17
CA ARG A 514 11.92 -2.05 1.97
C ARG A 514 10.77 -1.83 1.00
N LEU A 515 10.07 -0.71 1.12
CA LEU A 515 8.86 -0.49 0.35
C LEU A 515 9.11 0.24 -0.97
N TRP A 516 10.12 1.10 -1.05
CA TRP A 516 10.22 1.95 -2.21
C TRP A 516 11.55 1.75 -2.93
N PRO A 517 11.54 1.73 -4.28
CA PRO A 517 10.34 1.97 -5.08
C PRO A 517 9.60 0.72 -5.53
N ARG A 518 9.84 -0.41 -4.87
CA ARG A 518 9.24 -1.66 -5.32
C ARG A 518 7.71 -1.62 -5.25
N ALA A 519 7.17 -0.98 -4.21
CA ALA A 519 5.72 -0.85 -4.11
C ALA A 519 5.13 0.01 -5.23
N ALA A 520 5.93 0.88 -5.83
CA ALA A 520 5.46 1.63 -6.98
C ALA A 520 5.21 0.72 -8.17
N ALA A 521 6.00 -0.34 -8.32
CA ALA A 521 5.73 -1.32 -9.37
C ALA A 521 4.38 -1.98 -9.16
N LEU A 522 4.09 -2.39 -7.94
CA LEU A 522 2.76 -2.92 -7.62
C LEU A 522 1.69 -1.87 -7.87
N ALA A 523 2.01 -0.60 -7.60
CA ALA A 523 1.03 0.46 -7.81
C ALA A 523 0.60 0.55 -9.27
N GLU A 524 1.56 0.47 -10.20
CA GLU A 524 1.21 0.55 -11.61
C GLU A 524 0.52 -0.72 -12.08
N ARG A 525 0.99 -1.88 -11.61
CA ARG A 525 0.37 -3.15 -12.00
C ARG A 525 -1.10 -3.19 -11.58
N LEU A 526 -1.41 -2.69 -10.38
CA LEU A 526 -2.80 -2.74 -9.91
C LEU A 526 -3.64 -1.60 -10.47
N TRP A 527 -3.01 -0.46 -10.78
CA TRP A 527 -3.77 0.67 -11.31
C TRP A 527 -4.09 0.48 -12.80
N ALA A 528 -3.12 -0.03 -13.57
CA ALA A 528 -3.24 -0.03 -15.02
C ALA A 528 -3.30 -1.41 -15.65
N GLU A 529 -2.87 -2.46 -14.95
CA GLU A 529 -2.77 -3.82 -15.48
C GLU A 529 -2.20 -3.82 -16.91
N PRO A 530 -0.98 -3.30 -17.09
CA PRO A 530 -0.46 -3.17 -18.46
C PRO A 530 -0.20 -4.52 -19.09
N ALA A 531 -0.48 -4.62 -20.39
CA ALA A 531 -0.10 -5.80 -21.14
C ALA A 531 1.39 -5.84 -21.43
N THR A 532 2.10 -4.74 -21.22
CA THR A 532 3.54 -4.67 -21.39
C THR A 532 4.26 -5.14 -20.14
N SER A 533 5.55 -5.40 -20.28
CA SER A 533 6.37 -5.92 -19.19
C SER A 533 7.14 -4.78 -18.51
N TRP A 534 8.03 -5.15 -17.59
CA TRP A 534 8.74 -4.14 -16.80
C TRP A 534 9.68 -3.31 -17.65
N GLN A 535 10.31 -3.90 -18.67
CA GLN A 535 11.27 -3.17 -19.49
C GLN A 535 10.62 -1.98 -20.19
N ASP A 536 9.32 -2.07 -20.48
CA ASP A 536 8.62 -0.92 -21.04
C ASP A 536 8.37 0.17 -20.01
N ALA A 537 8.41 -0.17 -18.72
CA ALA A 537 8.22 0.80 -17.64
C ALA A 537 9.53 1.18 -16.97
N GLU A 538 10.67 0.65 -17.45
CA GLU A 538 11.93 0.82 -16.75
C GLU A 538 12.30 2.29 -16.60
N TYR A 539 12.25 3.06 -17.69
CA TYR A 539 12.69 4.45 -17.64
C TYR A 539 11.84 5.26 -16.68
N ARG A 540 10.52 5.02 -16.66
CA ARG A 540 9.66 5.76 -15.75
C ARG A 540 9.84 5.30 -14.31
N MET A 541 10.17 4.02 -14.10
CA MET A 541 10.45 3.55 -12.75
C MET A 541 11.69 4.21 -12.16
N LEU A 542 12.71 4.45 -12.99
CA LEU A 542 13.88 5.16 -12.52
C LEU A 542 13.54 6.58 -12.11
N HIS A 543 12.59 7.22 -12.81
CA HIS A 543 12.22 8.59 -12.45
C HIS A 543 11.41 8.62 -11.16
N ILE A 544 10.45 7.70 -11.01
CA ILE A 544 9.63 7.72 -9.81
C ILE A 544 10.48 7.44 -8.58
N ARG A 545 11.55 6.65 -8.73
CA ARG A 545 12.48 6.46 -7.62
C ARG A 545 13.11 7.79 -7.22
N GLU A 546 13.59 8.55 -8.19
CA GLU A 546 14.16 9.86 -7.89
C GLU A 546 13.12 10.76 -7.23
N ARG A 547 11.86 10.67 -7.67
CA ARG A 547 10.81 11.50 -7.08
C ARG A 547 10.61 11.13 -5.61
N PHE A 548 10.61 9.84 -5.28
CA PHE A 548 10.54 9.42 -3.88
C PHE A 548 11.66 10.05 -3.07
N VAL A 549 12.88 10.04 -3.60
CA VAL A 549 14.03 10.59 -2.88
C VAL A 549 13.83 12.07 -2.62
N ARG A 550 13.28 12.78 -3.61
CA ARG A 550 12.98 14.18 -3.46
C ARG A 550 11.94 14.43 -2.36
N MET A 551 10.98 13.51 -2.19
CA MET A 551 10.00 13.61 -1.11
C MET A 551 10.60 13.38 0.27
N GLY A 552 11.87 12.97 0.35
CA GLY A 552 12.48 12.59 1.60
C GLY A 552 12.43 11.12 1.92
N ILE A 553 11.97 10.28 0.98
CA ILE A 553 11.96 8.84 1.17
C ILE A 553 13.34 8.28 0.86
N GLN A 554 13.90 7.49 1.78
CA GLN A 554 15.17 6.81 1.56
C GLN A 554 14.95 5.57 0.69
N ALA A 555 14.54 5.82 -0.54
CA ALA A 555 14.19 4.73 -1.45
C ALA A 555 15.42 3.95 -1.86
N GLU A 556 15.22 2.65 -2.09
CA GLU A 556 16.29 1.81 -2.61
C GLU A 556 16.79 2.35 -3.95
N SER A 557 18.06 2.09 -4.22
CA SER A 557 18.67 2.47 -5.49
C SER A 557 18.62 1.29 -6.45
N LEU A 558 18.15 1.54 -7.67
CA LEU A 558 17.94 0.47 -8.65
C LEU A 558 19.07 0.34 -9.65
N GLN A 559 19.56 1.46 -10.17
CA GLN A 559 20.58 1.45 -11.21
C GLN A 559 21.48 2.66 -10.99
N PRO A 560 22.68 2.66 -11.57
CA PRO A 560 23.49 3.88 -11.53
C PRO A 560 22.73 5.03 -12.18
N GLU A 561 22.88 6.22 -11.61
CA GLU A 561 22.23 7.40 -12.19
C GLU A 561 22.66 7.62 -13.62
N TRP A 562 23.86 7.16 -13.98
CA TRP A 562 24.33 7.25 -15.35
C TRP A 562 23.36 6.58 -16.31
N CYS A 563 22.79 5.44 -15.92
CA CYS A 563 21.80 4.78 -16.77
C CYS A 563 20.57 5.66 -16.96
N TYR A 564 20.16 6.35 -15.90
CA TYR A 564 19.02 7.26 -15.98
C TYR A 564 19.29 8.41 -16.95
N GLN A 565 20.53 8.90 -16.98
CA GLN A 565 20.92 9.97 -17.88
C GLN A 565 21.27 9.47 -19.28
N ASN A 566 21.43 8.16 -19.46
CA ASN A 566 21.88 7.60 -20.72
C ASN A 566 21.03 6.39 -21.07
N GLU A 567 19.74 6.63 -21.32
CA GLU A 567 18.81 5.55 -21.60
C GLU A 567 19.27 4.71 -22.79
N GLY A 568 19.12 3.40 -22.67
CA GLY A 568 19.47 2.47 -23.71
C GLY A 568 20.83 1.81 -23.56
N TYR A 569 21.76 2.42 -22.82
CA TYR A 569 23.10 1.87 -22.68
C TYR A 569 23.21 0.83 -21.57
N CYS A 570 22.22 0.73 -20.69
CA CYS A 570 22.20 -0.26 -19.62
C CYS A 570 21.09 -1.26 -19.93
N TYR A 571 21.46 -2.43 -20.43
CA TYR A 571 20.50 -3.42 -20.87
C TYR A 571 21.10 -4.81 -20.74
N SER A 572 20.23 -5.82 -20.68
CA SER A 572 20.66 -7.21 -20.64
C SER A 572 19.48 -8.14 -20.92
C1 NAG B . -10.99 25.20 -18.31
C2 NAG B . -12.17 26.11 -18.68
C3 NAG B . -13.48 25.33 -18.59
C4 NAG B . -13.41 24.04 -19.39
C5 NAG B . -12.17 23.24 -18.98
C6 NAG B . -11.96 22.01 -19.83
C7 NAG B . -11.67 28.45 -18.12
C8 NAG B . -11.82 29.54 -17.10
N2 NAG B . -12.22 27.27 -17.80
O3 NAG B . -14.55 26.14 -19.07
O4 NAG B . -14.57 23.26 -19.13
O5 NAG B . -10.99 24.05 -19.14
O6 NAG B . -11.13 22.29 -20.96
O7 NAG B . -11.08 28.63 -19.18
C1 NAG B . -15.30 22.91 -20.32
C2 NAG B . -16.15 21.67 -20.01
C3 NAG B . -17.00 21.27 -21.21
C4 NAG B . -17.83 22.45 -21.69
C5 NAG B . -16.92 23.65 -21.95
C6 NAG B . -17.69 24.90 -22.32
C7 NAG B . -15.27 20.11 -18.33
C8 NAG B . -14.34 18.95 -18.08
N2 NAG B . -15.31 20.56 -19.58
O3 NAG B . -17.85 20.19 -20.85
O4 NAG B . -18.52 22.11 -22.88
O5 NAG B . -16.16 23.97 -20.77
O6 NAG B . -16.90 26.07 -22.13
O7 NAG B . -15.95 20.60 -17.44
C1 BER C . 8.18 -19.39 7.47
C2 BER C . 9.34 -19.60 8.20
N1 BER C . 7.86 -20.24 6.49
C3 BER C . 7.39 -18.29 7.77
C4 BER C . 9.97 -20.83 8.18
C5 BER C . 9.87 -18.59 8.97
C6 BER C . 6.70 -20.04 5.74
C7 BER C . 8.75 -21.38 6.19
C8 BER C . 6.22 -18.08 7.05
C9 BER C . 11.12 -20.98 8.95
C10 BER C . 9.47 -21.89 7.44
C11 BER C . 10.98 -18.79 9.69
C12 BER C . 5.87 -18.96 6.03
C13 BER C . 5.41 -16.99 7.35
C14 BER C . 11.59 -19.97 9.68
O1 BER C . 11.63 -17.90 10.47
C15 BER C . 4.71 -18.72 5.32
C16 BER C . 4.23 -16.76 6.63
O2 BER C . 12.69 -19.93 10.47
C17 BER C . 12.46 -18.76 11.27
C18 BER C . 3.89 -17.63 5.61
O3 BER C . 4.36 -19.57 4.31
O4 BER C . 2.77 -17.48 4.86
C19 BER C . 3.49 -20.59 4.82
C20 BER C . 1.68 -17.10 5.70
C1 NAG D . -3.17 -35.14 19.98
C2 NAG D . -2.73 -35.75 18.66
C3 NAG D . -3.08 -37.24 18.62
C4 NAG D . -2.46 -37.94 19.82
C5 NAG D . -2.85 -37.25 21.13
C6 NAG D . -2.09 -37.79 22.31
C7 NAG D . -2.59 -34.51 16.55
C8 NAG D . -3.36 -33.83 15.46
N2 NAG D . -3.32 -35.06 17.53
O3 NAG D . -2.61 -37.80 17.41
O4 NAG D . -2.88 -39.30 19.86
O5 NAG D . -2.54 -35.85 21.06
O6 NAG D . -2.95 -37.95 23.44
O7 NAG D . -1.37 -34.59 16.54
#